data_2MIV
#
_entry.id   2MIV
#
loop_
_entity.id
_entity.type
_entity.pdbx_description
1 polymer "DNA_(5'-D(*CP*CP*AP*TP*CP*GP*CP*TP*AP*CP*C)-3')"
2 polymer "DNA_(5'-D(*GP*GP*TP*AP*GP*GP*AP*TP*GP*G)-3')"
3 non-polymer (11R,12R,13R)-11,12,13,14-tetrahydronaphtho[1,2,3,4-pqr]tetraphene-11,12,13-triol
#
loop_
_entity_poly.entity_id
_entity_poly.type
_entity_poly.pdbx_seq_one_letter_code
_entity_poly.pdbx_strand_id
1 'polydeoxyribonucleotide' (DC)(DC)(DA)(DT)(DC)(DG)(DC)(DT)(DA)(DC)(DC) A
2 'polydeoxyribonucleotide' (DG)(DG)(DT)(DA)(DG)(DG)(DA)(DT)(DG)(DG) B
#